data_2GJN
#
_entry.id   2GJN
#
_cell.length_a   93.005
_cell.length_b   93.005
_cell.length_c   80.502
_cell.angle_alpha   90.00
_cell.angle_beta   90.00
_cell.angle_gamma   120.00
#
_symmetry.space_group_name_H-M   'P 31 2 1'
#
loop_
_entity.id
_entity.type
_entity.pdbx_description
1 polymer 'hypothetical protein PA1024'
2 non-polymer 'FLAVIN MONONUCLEOTIDE'
3 non-polymer 2-NITROPROPANE
4 water water
#
_entity_poly.entity_id   1
_entity_poly.type   'polypeptide(L)'
_entity_poly.pdbx_seq_one_letter_code
;MGVFRTRFTETFGVEHPIMQGGMQWVGRAEMAAAVANAGGLATLSALTQPSPEALAAEIARCRELTDRPFGVNLTLLPTQ
KPVPYAEYRAAIIEAGIRVVETAGNDPGEHIAEFRRHGVKVIHKCTAVRHALKAERLGVDAVSIDGFECAGHPGEDDIPG
LVLLPAAANRLRVPIIASGGFADGRGLVAALALGADAINMGTRFLATRECPIHPAVKAAIRAADERSTDLIMRSLRNTAR
VARNAISQEVLAIEARGGAGYADIAALVSGQRGRQVYQQGDTDLGIWSAGMVQGLIDDEPACAELLRDIVEQARQLVRQR
LEGMLAGV
;
_entity_poly.pdbx_strand_id   A
#
loop_
_chem_comp.id
_chem_comp.type
_chem_comp.name
_chem_comp.formula
FMN non-polymer 'FLAVIN MONONUCLEOTIDE' 'C17 H21 N4 O9 P'
NIS non-polymer 2-NITROPROPANE 'C3 H7 N O2'
#
# COMPACT_ATOMS: atom_id res chain seq x y z
N VAL A 3 22.38 -0.85 2.69
CA VAL A 3 22.85 -0.91 1.28
C VAL A 3 22.58 0.40 0.56
N PHE A 4 21.33 0.85 0.61
CA PHE A 4 20.95 2.10 -0.02
C PHE A 4 20.63 3.15 1.03
N ARG A 5 21.09 4.37 0.79
CA ARG A 5 20.82 5.48 1.70
C ARG A 5 20.07 6.50 0.85
N THR A 6 18.85 6.86 1.27
CA THR A 6 18.06 7.81 0.51
C THR A 6 17.33 8.79 1.43
N ARG A 7 16.70 9.79 0.82
CA ARG A 7 15.97 10.78 1.60
C ARG A 7 14.91 10.07 2.43
N PHE A 8 14.43 8.95 1.93
CA PHE A 8 13.42 8.17 2.63
C PHE A 8 13.98 7.49 3.88
N THR A 9 15.09 6.78 3.73
CA THR A 9 15.69 6.10 4.87
C THR A 9 16.14 7.09 5.94
N GLU A 10 16.66 8.23 5.52
CA GLU A 10 17.10 9.23 6.48
C GLU A 10 15.92 9.93 7.15
N THR A 11 14.89 10.26 6.37
CA THR A 11 13.74 10.93 6.94
C THR A 11 12.93 10.07 7.90
N PHE A 12 12.79 8.78 7.60
CA PHE A 12 12.00 7.92 8.47
C PHE A 12 12.77 6.93 9.34
N GLY A 13 14.09 7.02 9.29
CA GLY A 13 14.93 6.17 10.13
C GLY A 13 14.81 4.67 9.96
N VAL A 14 14.80 4.20 8.72
CA VAL A 14 14.74 2.76 8.47
C VAL A 14 15.95 2.37 7.64
N GLU A 15 16.31 1.10 7.70
CA GLU A 15 17.47 0.57 6.99
C GLU A 15 17.32 0.54 5.46
N HIS A 16 16.18 0.09 4.97
CA HIS A 16 15.95 -0.02 3.54
C HIS A 16 14.86 0.93 3.02
N PRO A 17 15.02 1.41 1.77
CA PRO A 17 14.05 2.32 1.15
C PRO A 17 12.85 1.51 0.66
N ILE A 18 12.29 0.72 1.55
CA ILE A 18 11.15 -0.12 1.22
C ILE A 18 10.07 0.06 2.28
N MET A 19 8.85 0.22 1.81
CA MET A 19 7.72 0.42 2.70
C MET A 19 6.59 -0.57 2.42
N GLN A 20 5.89 -0.94 3.48
CA GLN A 20 4.74 -1.84 3.38
C GLN A 20 3.57 -0.97 3.83
N GLY A 21 2.89 -0.37 2.86
CA GLY A 21 1.77 0.50 3.15
C GLY A 21 0.48 -0.17 3.55
N GLY A 22 -0.57 0.64 3.66
CA GLY A 22 -1.88 0.14 4.06
C GLY A 22 -2.36 -1.14 3.41
N MET A 23 -2.88 -2.04 4.24
CA MET A 23 -3.41 -3.30 3.75
C MET A 23 -4.62 -3.70 4.59
N GLN A 24 -5.81 -3.34 4.12
CA GLN A 24 -7.04 -3.67 4.83
C GLN A 24 -7.13 -5.19 5.03
N TRP A 25 -7.53 -5.60 6.23
CA TRP A 25 -7.67 -7.00 6.61
C TRP A 25 -6.33 -7.69 6.82
N VAL A 26 -5.37 -7.42 5.93
CA VAL A 26 -4.04 -8.03 5.98
C VAL A 26 -3.03 -7.33 6.92
N GLY A 27 -3.06 -6.01 6.93
CA GLY A 27 -2.14 -5.24 7.75
C GLY A 27 -2.26 -5.41 9.25
N ARG A 28 -2.01 -6.62 9.74
CA ARG A 28 -2.09 -6.89 11.16
C ARG A 28 -0.70 -7.01 11.77
N ALA A 29 -0.66 -7.21 13.09
CA ALA A 29 0.59 -7.30 13.82
C ALA A 29 1.67 -8.16 13.16
N GLU A 30 1.31 -9.36 12.72
CA GLU A 30 2.26 -10.26 12.07
C GLU A 30 2.93 -9.67 10.83
N MET A 31 2.15 -9.01 10.00
CA MET A 31 2.68 -8.41 8.78
C MET A 31 3.63 -7.26 9.10
N ALA A 32 3.15 -6.32 9.91
CA ALA A 32 3.94 -5.15 10.29
C ALA A 32 5.24 -5.50 11.00
N ALA A 33 5.16 -6.39 11.98
CA ALA A 33 6.35 -6.80 12.73
C ALA A 33 7.40 -7.38 11.79
N ALA A 34 6.97 -8.27 10.90
CA ALA A 34 7.89 -8.90 9.94
C ALA A 34 8.60 -7.86 9.08
N VAL A 35 7.84 -6.91 8.53
CA VAL A 35 8.45 -5.88 7.70
C VAL A 35 9.35 -4.97 8.54
N ALA A 36 8.90 -4.64 9.75
CA ALA A 36 9.69 -3.80 10.65
C ALA A 36 11.01 -4.48 11.00
N ASN A 37 10.93 -5.76 11.34
CA ASN A 37 12.12 -6.54 11.67
C ASN A 37 13.01 -6.77 10.46
N ALA A 38 12.44 -6.60 9.26
CA ALA A 38 13.18 -6.82 8.02
C ALA A 38 13.97 -5.59 7.57
N GLY A 39 13.77 -4.47 8.26
CA GLY A 39 14.49 -3.25 7.91
C GLY A 39 13.71 -2.22 7.11
N GLY A 40 12.42 -2.48 6.89
CA GLY A 40 11.63 -1.53 6.12
C GLY A 40 10.65 -0.78 6.98
N LEU A 41 9.87 0.10 6.35
CA LEU A 41 8.86 0.88 7.06
C LEU A 41 7.53 0.13 6.98
N ALA A 42 7.08 -0.39 8.11
CA ALA A 42 5.83 -1.15 8.16
C ALA A 42 4.64 -0.35 8.65
N THR A 43 3.43 -0.86 8.42
CA THR A 43 2.22 -0.18 8.88
C THR A 43 1.15 -1.16 9.33
N LEU A 44 0.45 -0.81 10.39
CA LEU A 44 -0.67 -1.59 10.88
C LEU A 44 -1.84 -0.88 10.23
N SER A 45 -2.81 -1.64 9.73
CA SER A 45 -3.98 -1.01 9.13
C SER A 45 -4.90 -0.57 10.26
N ALA A 46 -5.18 0.72 10.36
CA ALA A 46 -6.05 1.23 11.41
C ALA A 46 -7.47 0.72 11.29
N LEU A 47 -8.05 0.85 10.10
CA LEU A 47 -9.42 0.44 9.88
C LEU A 47 -9.65 -1.06 9.79
N THR A 48 -8.58 -1.85 9.91
CA THR A 48 -8.73 -3.30 9.91
C THR A 48 -9.25 -3.62 11.30
N GLN A 49 -8.91 -2.75 12.25
CA GLN A 49 -9.36 -2.90 13.63
C GLN A 49 -10.73 -2.25 13.72
N PRO A 50 -11.73 -2.99 14.23
CA PRO A 50 -13.11 -2.53 14.38
C PRO A 50 -13.38 -1.32 15.28
N SER A 51 -12.43 -0.98 16.15
CA SER A 51 -12.61 0.16 17.03
C SER A 51 -11.28 0.79 17.42
N PRO A 52 -11.29 2.06 17.82
CA PRO A 52 -10.05 2.73 18.22
C PRO A 52 -9.34 1.92 19.30
N GLU A 53 -10.11 1.39 20.24
CA GLU A 53 -9.55 0.59 21.33
C GLU A 53 -8.92 -0.70 20.81
N ALA A 54 -9.49 -1.27 19.75
CA ALA A 54 -8.92 -2.49 19.19
C ALA A 54 -7.59 -2.16 18.55
N LEU A 55 -7.51 -0.98 17.93
CA LEU A 55 -6.25 -0.56 17.29
C LEU A 55 -5.16 -0.39 18.34
N ALA A 56 -5.54 0.12 19.51
CA ALA A 56 -4.59 0.31 20.60
C ALA A 56 -4.06 -1.06 21.02
N ALA A 57 -4.96 -2.03 21.11
CA ALA A 57 -4.58 -3.39 21.50
C ALA A 57 -3.68 -4.01 20.44
N GLU A 58 -4.01 -3.80 19.16
CA GLU A 58 -3.21 -4.35 18.06
C GLU A 58 -1.82 -3.72 18.05
N ILE A 59 -1.75 -2.42 18.31
CA ILE A 59 -0.46 -1.73 18.34
C ILE A 59 0.41 -2.34 19.43
N ALA A 60 -0.20 -2.67 20.56
CA ALA A 60 0.52 -3.26 21.68
C ALA A 60 0.94 -4.69 21.34
N ARG A 61 0.08 -5.40 20.61
CA ARG A 61 0.38 -6.77 20.23
C ARG A 61 1.54 -6.78 19.24
N CYS A 62 1.57 -5.80 18.34
CA CYS A 62 2.64 -5.72 17.36
C CYS A 62 3.98 -5.42 18.03
N ARG A 63 3.95 -4.63 19.09
CA ARG A 63 5.18 -4.28 19.81
C ARG A 63 5.73 -5.47 20.59
N GLU A 64 4.94 -6.53 20.70
CA GLU A 64 5.37 -7.74 21.38
C GLU A 64 6.15 -8.58 20.37
N LEU A 65 5.94 -8.31 19.09
CA LEU A 65 6.62 -9.07 18.03
C LEU A 65 7.82 -8.33 17.44
N THR A 66 7.89 -7.03 17.67
CA THR A 66 9.01 -6.25 17.15
C THR A 66 9.34 -5.06 18.05
N ASP A 67 10.62 -4.77 18.20
CA ASP A 67 11.09 -3.66 19.01
C ASP A 67 11.36 -2.46 18.11
N ARG A 68 11.27 -2.69 16.80
CA ARG A 68 11.52 -1.62 15.84
C ARG A 68 10.28 -0.79 15.57
N PRO A 69 10.48 0.52 15.29
CA PRO A 69 9.37 1.44 15.00
C PRO A 69 8.58 1.00 13.76
N PHE A 70 7.28 1.29 13.79
CA PHE A 70 6.40 0.97 12.67
C PHE A 70 5.31 2.03 12.64
N GLY A 71 4.71 2.23 11.48
CA GLY A 71 3.68 3.23 11.37
C GLY A 71 2.28 2.66 11.32
N VAL A 72 1.31 3.54 11.10
CA VAL A 72 -0.08 3.13 11.01
C VAL A 72 -0.68 3.77 9.78
N ASN A 73 -1.51 3.01 9.09
CA ASN A 73 -2.18 3.53 7.92
C ASN A 73 -3.59 3.94 8.29
N LEU A 74 -3.97 5.15 7.90
CA LEU A 74 -5.32 5.65 8.17
C LEU A 74 -5.92 5.96 6.82
N THR A 75 -6.75 5.06 6.33
CA THR A 75 -7.40 5.20 5.05
C THR A 75 -8.75 5.90 5.20
N LEU A 76 -8.93 6.98 4.44
CA LEU A 76 -10.15 7.74 4.53
C LEU A 76 -11.25 7.22 3.60
N LEU A 77 -12.00 6.24 4.11
CA LEU A 77 -13.09 5.62 3.36
C LEU A 77 -14.19 6.62 3.06
N PRO A 78 -14.79 6.54 1.86
CA PRO A 78 -15.87 7.45 1.46
C PRO A 78 -17.23 7.08 2.07
N THR A 79 -17.28 5.96 2.78
CA THR A 79 -18.52 5.50 3.41
C THR A 79 -19.10 6.57 4.33
N GLN A 80 -20.41 6.82 4.18
CA GLN A 80 -21.09 7.80 5.00
C GLN A 80 -21.49 7.21 6.35
N LYS A 81 -21.02 5.99 6.60
CA LYS A 81 -21.33 5.32 7.86
C LYS A 81 -20.39 5.78 8.98
N PRO A 82 -20.86 5.67 10.23
CA PRO A 82 -20.08 6.07 11.41
C PRO A 82 -18.63 5.64 11.41
N VAL A 83 -17.74 6.61 11.21
CA VAL A 83 -16.29 6.38 11.20
C VAL A 83 -15.62 7.42 12.09
N PRO A 84 -15.35 7.06 13.36
CA PRO A 84 -14.73 7.93 14.36
C PRO A 84 -13.24 8.16 14.11
N TYR A 85 -12.89 8.66 12.93
CA TYR A 85 -11.49 8.92 12.57
C TYR A 85 -10.73 9.64 13.68
N ALA A 86 -11.34 10.70 14.22
CA ALA A 86 -10.70 11.48 15.28
C ALA A 86 -10.22 10.59 16.42
N GLU A 87 -11.09 9.70 16.89
CA GLU A 87 -10.75 8.80 17.99
C GLU A 87 -9.64 7.83 17.59
N TYR A 88 -9.64 7.41 16.32
CA TYR A 88 -8.60 6.52 15.82
C TYR A 88 -7.28 7.29 15.86
N ARG A 89 -7.30 8.55 15.40
CA ARG A 89 -6.10 9.38 15.40
C ARG A 89 -5.58 9.48 16.82
N ALA A 90 -6.48 9.82 17.73
CA ALA A 90 -6.14 9.97 19.14
C ALA A 90 -5.46 8.71 19.63
N ALA A 91 -6.03 7.56 19.27
CA ALA A 91 -5.46 6.28 19.69
C ALA A 91 -4.06 6.10 19.12
N ILE A 92 -3.88 6.44 17.84
CA ILE A 92 -2.57 6.33 17.20
C ILE A 92 -1.55 7.25 17.87
N ILE A 93 -1.99 8.47 18.19
CA ILE A 93 -1.13 9.44 18.84
C ILE A 93 -0.79 9.03 20.26
N GLU A 94 -1.81 8.75 21.06
CA GLU A 94 -1.61 8.34 22.45
C GLU A 94 -0.63 7.16 22.55
N ALA A 95 -0.67 6.27 21.55
CA ALA A 95 0.19 5.10 21.53
C ALA A 95 1.66 5.40 21.22
N GLY A 96 1.94 6.63 20.79
CA GLY A 96 3.30 7.00 20.49
C GLY A 96 3.78 6.62 19.09
N ILE A 97 2.86 6.49 18.15
CA ILE A 97 3.22 6.17 16.78
C ILE A 97 3.89 7.43 16.21
N ARG A 98 5.07 7.24 15.62
CA ARG A 98 5.85 8.35 15.06
C ARG A 98 5.56 8.67 13.59
N VAL A 99 4.99 7.72 12.86
CA VAL A 99 4.71 7.95 11.46
C VAL A 99 3.38 7.34 11.00
N VAL A 100 2.65 8.09 10.21
CA VAL A 100 1.37 7.63 9.70
C VAL A 100 1.26 7.79 8.19
N GLU A 101 0.63 6.81 7.55
CA GLU A 101 0.40 6.87 6.12
C GLU A 101 -1.08 7.12 5.94
N THR A 102 -1.42 8.29 5.41
CA THR A 102 -2.81 8.62 5.17
C THR A 102 -3.13 8.34 3.70
N ALA A 103 -4.41 8.15 3.40
CA ALA A 103 -4.83 7.89 2.03
C ALA A 103 -6.30 8.22 1.90
N GLY A 104 -6.74 8.53 0.69
CA GLY A 104 -8.14 8.86 0.48
C GLY A 104 -8.38 10.31 0.15
N ASN A 105 -9.61 10.76 0.37
CA ASN A 105 -10.00 12.14 0.07
C ASN A 105 -9.89 13.08 1.25
N ASP A 106 -9.58 14.34 0.96
CA ASP A 106 -9.45 15.39 1.97
C ASP A 106 -8.77 14.93 3.25
N PRO A 107 -7.45 14.72 3.21
CA PRO A 107 -6.69 14.28 4.39
C PRO A 107 -6.28 15.46 5.27
N GLY A 108 -6.48 16.68 4.76
CA GLY A 108 -6.12 17.89 5.47
C GLY A 108 -6.32 17.88 6.98
N GLU A 109 -7.57 17.73 7.40
CA GLU A 109 -7.89 17.70 8.83
C GLU A 109 -7.01 16.77 9.65
N HIS A 110 -6.87 15.53 9.19
CA HIS A 110 -6.08 14.53 9.90
C HIS A 110 -4.59 14.78 9.83
N ILE A 111 -4.10 15.19 8.65
CA ILE A 111 -2.69 15.47 8.49
C ILE A 111 -2.24 16.54 9.50
N ALA A 112 -3.00 17.64 9.55
CA ALA A 112 -2.68 18.73 10.46
C ALA A 112 -2.57 18.26 11.90
N GLU A 113 -3.56 17.48 12.34
CA GLU A 113 -3.56 16.96 13.70
C GLU A 113 -2.31 16.14 14.01
N PHE A 114 -1.97 15.20 13.13
CA PHE A 114 -0.79 14.38 13.35
C PHE A 114 0.46 15.23 13.46
N ARG A 115 0.58 16.25 12.62
CA ARG A 115 1.73 17.13 12.65
C ARG A 115 1.82 17.88 13.98
N ARG A 116 0.69 18.35 14.49
CA ARG A 116 0.67 19.07 15.76
C ARG A 116 1.27 18.25 16.90
N HIS A 117 1.24 16.93 16.77
CA HIS A 117 1.77 16.07 17.82
C HIS A 117 3.10 15.40 17.50
N GLY A 118 3.84 15.95 16.54
CA GLY A 118 5.12 15.39 16.18
C GLY A 118 5.08 14.08 15.38
N VAL A 119 3.92 13.74 14.83
CA VAL A 119 3.81 12.52 14.04
C VAL A 119 3.98 12.81 12.55
N LYS A 120 5.04 12.29 11.96
CA LYS A 120 5.30 12.50 10.53
C LYS A 120 4.19 11.85 9.71
N VAL A 121 3.87 12.47 8.58
CA VAL A 121 2.81 11.95 7.72
C VAL A 121 3.22 11.69 6.27
N ILE A 122 2.97 10.47 5.82
CA ILE A 122 3.25 10.08 4.44
C ILE A 122 1.87 9.99 3.81
N HIS A 123 1.59 10.83 2.82
CA HIS A 123 0.27 10.77 2.18
C HIS A 123 0.31 10.13 0.80
N LYS A 124 -0.50 9.10 0.63
CA LYS A 124 -0.56 8.40 -0.65
C LYS A 124 -1.61 9.06 -1.52
N CYS A 125 -1.21 9.46 -2.72
CA CYS A 125 -2.13 10.11 -3.66
C CYS A 125 -1.90 9.60 -5.07
N THR A 126 -2.89 9.83 -5.93
CA THR A 126 -2.85 9.31 -7.29
C THR A 126 -2.62 10.30 -8.43
N ALA A 127 -2.25 11.52 -8.10
CA ALA A 127 -2.01 12.52 -9.13
C ALA A 127 -1.10 13.61 -8.61
N VAL A 128 -0.32 14.20 -9.51
CA VAL A 128 0.60 15.26 -9.16
C VAL A 128 -0.12 16.39 -8.41
N ARG A 129 -1.25 16.84 -8.95
CA ARG A 129 -2.01 17.92 -8.32
C ARG A 129 -2.40 17.60 -6.88
N HIS A 130 -2.65 16.33 -6.59
CA HIS A 130 -3.02 15.92 -5.24
C HIS A 130 -1.80 15.95 -4.33
N ALA A 131 -0.68 15.49 -4.86
CA ALA A 131 0.57 15.45 -4.11
C ALA A 131 1.00 16.88 -3.75
N LEU A 132 0.84 17.81 -4.67
CA LEU A 132 1.20 19.20 -4.44
C LEU A 132 0.33 19.78 -3.31
N LYS A 133 -0.98 19.57 -3.42
CA LYS A 133 -1.92 20.04 -2.41
C LYS A 133 -1.48 19.48 -1.05
N ALA A 134 -1.10 18.21 -1.03
CA ALA A 134 -0.67 17.56 0.19
C ALA A 134 0.64 18.20 0.69
N GLU A 135 1.54 18.49 -0.25
CA GLU A 135 2.81 19.10 0.12
C GLU A 135 2.56 20.47 0.76
N ARG A 136 1.59 21.20 0.21
CA ARG A 136 1.23 22.51 0.75
C ARG A 136 0.59 22.36 2.12
N LEU A 137 0.04 21.18 2.39
CA LEU A 137 -0.60 20.91 3.68
C LEU A 137 0.45 20.63 4.75
N GLY A 138 1.65 20.25 4.32
CA GLY A 138 2.71 19.99 5.27
C GLY A 138 3.12 18.54 5.51
N VAL A 139 2.89 17.66 4.54
CA VAL A 139 3.27 16.27 4.73
C VAL A 139 4.78 16.12 4.72
N ASP A 140 5.27 15.05 5.33
CA ASP A 140 6.71 14.78 5.37
C ASP A 140 7.18 14.07 4.12
N ALA A 141 6.23 13.47 3.40
CA ALA A 141 6.54 12.77 2.17
C ALA A 141 5.26 12.42 1.44
N VAL A 142 5.39 12.14 0.15
CA VAL A 142 4.23 11.78 -0.65
C VAL A 142 4.46 10.43 -1.29
N SER A 143 3.43 9.59 -1.27
CA SER A 143 3.53 8.29 -1.88
C SER A 143 2.76 8.40 -3.20
N ILE A 144 3.49 8.36 -4.31
CA ILE A 144 2.88 8.48 -5.63
C ILE A 144 2.40 7.11 -6.12
N ASP A 145 1.09 6.91 -6.07
CA ASP A 145 0.44 5.66 -6.46
C ASP A 145 0.05 5.65 -7.93
N GLY A 146 0.66 4.75 -8.71
CA GLY A 146 0.37 4.68 -10.14
C GLY A 146 -0.74 3.72 -10.56
N PHE A 147 -1.12 3.82 -11.82
CA PHE A 147 -2.18 3.00 -12.42
C PHE A 147 -2.04 1.49 -12.17
N GLU A 148 -0.81 1.03 -11.96
CA GLU A 148 -0.54 -0.40 -11.72
C GLU A 148 -1.00 -0.91 -10.36
N CYS A 149 -1.09 -0.01 -9.39
CA CYS A 149 -1.43 -0.36 -8.02
C CYS A 149 -2.67 -1.17 -7.70
N ALA A 150 -2.55 -1.96 -6.63
CA ALA A 150 -3.68 -2.73 -6.13
C ALA A 150 -4.41 -1.63 -5.36
N GLY A 151 -5.74 -1.69 -5.30
CA GLY A 151 -6.48 -0.67 -4.58
C GLY A 151 -7.06 0.42 -5.48
N HIS A 152 -7.14 1.65 -4.96
CA HIS A 152 -7.68 2.77 -5.72
C HIS A 152 -6.64 3.65 -6.41
N PRO A 153 -6.53 3.53 -7.74
CA PRO A 153 -5.58 4.31 -8.54
C PRO A 153 -6.13 5.65 -9.00
N GLY A 154 -7.36 5.96 -8.61
CA GLY A 154 -7.96 7.21 -9.04
C GLY A 154 -8.55 7.03 -10.44
N GLU A 155 -8.85 8.12 -11.12
CA GLU A 155 -9.45 8.02 -12.44
C GLU A 155 -8.62 8.52 -13.63
N ASP A 156 -7.40 9.00 -13.39
CA ASP A 156 -6.57 9.51 -14.48
C ASP A 156 -5.90 8.44 -15.35
N ASP A 157 -5.67 7.27 -14.77
CA ASP A 157 -5.03 6.18 -15.51
C ASP A 157 -3.64 6.54 -16.01
N ILE A 158 -2.78 6.99 -15.11
CA ILE A 158 -1.41 7.33 -15.48
C ILE A 158 -0.46 6.36 -14.76
N PRO A 159 0.23 5.49 -15.50
CA PRO A 159 1.18 4.54 -14.92
C PRO A 159 2.37 5.25 -14.29
N GLY A 160 3.06 4.58 -13.38
CA GLY A 160 4.19 5.17 -12.68
C GLY A 160 5.34 5.65 -13.56
N LEU A 161 5.56 4.95 -14.67
CA LEU A 161 6.64 5.31 -15.56
C LEU A 161 6.60 6.79 -15.97
N VAL A 162 5.39 7.35 -16.00
CA VAL A 162 5.17 8.75 -16.38
C VAL A 162 4.78 9.61 -15.20
N LEU A 163 3.90 9.09 -14.35
CA LEU A 163 3.43 9.81 -13.16
C LEU A 163 4.58 10.12 -12.20
N LEU A 164 5.49 9.17 -12.00
CA LEU A 164 6.61 9.39 -11.08
C LEU A 164 7.49 10.55 -11.49
N PRO A 165 8.02 10.55 -12.73
CA PRO A 165 8.85 11.70 -13.09
C PRO A 165 8.06 13.01 -13.17
N ALA A 166 6.77 12.91 -13.47
CA ALA A 166 5.92 14.11 -13.55
C ALA A 166 5.78 14.71 -12.16
N ALA A 167 5.77 13.86 -11.14
CA ALA A 167 5.64 14.30 -9.76
C ALA A 167 6.98 14.83 -9.28
N ALA A 168 8.05 14.10 -9.60
CA ALA A 168 9.39 14.52 -9.20
C ALA A 168 9.73 15.88 -9.79
N ASN A 169 9.15 16.18 -10.94
CA ASN A 169 9.39 17.47 -11.59
C ASN A 169 8.83 18.63 -10.78
N ARG A 170 7.86 18.36 -9.91
CA ARG A 170 7.24 19.43 -9.15
C ARG A 170 7.30 19.37 -7.62
N LEU A 171 7.47 18.16 -7.07
CA LEU A 171 7.53 18.02 -5.62
C LEU A 171 8.92 18.28 -5.04
N ARG A 172 8.97 18.64 -3.76
CA ARG A 172 10.23 18.92 -3.06
C ARG A 172 10.47 17.91 -1.96
N VAL A 173 9.41 17.49 -1.29
CA VAL A 173 9.53 16.52 -0.20
C VAL A 173 9.85 15.14 -0.78
N PRO A 174 10.35 14.22 0.06
CA PRO A 174 10.67 12.87 -0.42
C PRO A 174 9.50 12.22 -1.15
N ILE A 175 9.80 11.32 -2.08
CA ILE A 175 8.78 10.63 -2.85
C ILE A 175 8.90 9.11 -2.73
N ILE A 176 7.77 8.45 -2.56
CA ILE A 176 7.74 6.99 -2.46
C ILE A 176 6.97 6.51 -3.69
N ALA A 177 7.59 5.67 -4.51
CA ALA A 177 6.94 5.14 -5.70
C ALA A 177 6.06 3.99 -5.26
N SER A 178 4.79 4.03 -5.64
CA SER A 178 3.86 2.97 -5.25
C SER A 178 3.06 2.41 -6.43
N GLY A 179 2.92 1.08 -6.46
CA GLY A 179 2.17 0.45 -7.53
C GLY A 179 3.05 -0.14 -8.62
N GLY A 180 2.96 -1.46 -8.78
CA GLY A 180 3.74 -2.14 -9.81
C GLY A 180 5.15 -2.56 -9.45
N PHE A 181 5.55 -2.40 -8.18
CA PHE A 181 6.91 -2.78 -7.79
C PHE A 181 6.98 -4.09 -7.01
N ALA A 182 7.98 -4.91 -7.32
CA ALA A 182 8.14 -6.18 -6.63
C ALA A 182 9.58 -6.63 -6.39
N ASP A 183 10.53 -6.07 -7.14
CA ASP A 183 11.91 -6.49 -6.96
C ASP A 183 12.93 -5.35 -7.11
N GLY A 184 14.20 -5.73 -7.17
CA GLY A 184 15.29 -4.78 -7.31
C GLY A 184 15.23 -3.95 -8.58
N ARG A 185 14.76 -4.57 -9.66
CA ARG A 185 14.64 -3.86 -10.92
C ARG A 185 13.70 -2.68 -10.75
N GLY A 186 12.58 -2.93 -10.07
CA GLY A 186 11.61 -1.88 -9.82
C GLY A 186 12.19 -0.77 -8.94
N LEU A 187 12.95 -1.17 -7.93
CA LEU A 187 13.56 -0.19 -7.02
C LEU A 187 14.46 0.80 -7.77
N VAL A 188 15.36 0.27 -8.60
CA VAL A 188 16.27 1.13 -9.36
C VAL A 188 15.47 2.02 -10.31
N ALA A 189 14.50 1.45 -11.00
CA ALA A 189 13.65 2.21 -11.91
C ALA A 189 13.02 3.37 -11.16
N ALA A 190 12.43 3.07 -10.00
CA ALA A 190 11.78 4.10 -9.21
C ALA A 190 12.79 5.17 -8.76
N LEU A 191 13.97 4.75 -8.32
CA LEU A 191 14.98 5.70 -7.88
C LEU A 191 15.43 6.57 -9.05
N ALA A 192 15.62 5.95 -10.20
CA ALA A 192 16.06 6.68 -11.39
C ALA A 192 15.01 7.70 -11.83
N LEU A 193 13.73 7.36 -11.66
CA LEU A 193 12.65 8.25 -12.08
C LEU A 193 12.42 9.43 -11.14
N GLY A 194 13.08 9.44 -9.98
CA GLY A 194 12.91 10.56 -9.09
C GLY A 194 12.37 10.22 -7.71
N ALA A 195 12.10 8.94 -7.47
CA ALA A 195 11.58 8.52 -6.18
C ALA A 195 12.74 8.21 -5.25
N ASP A 196 12.48 8.12 -3.96
CA ASP A 196 13.51 7.82 -2.98
C ASP A 196 13.24 6.51 -2.27
N ALA A 197 12.16 5.84 -2.65
CA ALA A 197 11.79 4.58 -2.04
C ALA A 197 10.62 3.97 -2.80
N ILE A 198 10.32 2.71 -2.50
CA ILE A 198 9.19 2.06 -3.15
C ILE A 198 8.26 1.54 -2.07
N ASN A 199 6.97 1.51 -2.41
CA ASN A 199 5.96 0.99 -1.51
C ASN A 199 5.41 -0.23 -2.24
N MET A 200 5.10 -1.29 -1.49
CA MET A 200 4.57 -2.51 -2.08
C MET A 200 3.41 -3.03 -1.24
N GLY A 201 2.49 -3.74 -1.91
CA GLY A 201 1.35 -4.32 -1.22
C GLY A 201 1.24 -5.78 -1.62
N THR A 202 1.02 -6.02 -2.91
CA THR A 202 0.89 -7.37 -3.46
C THR A 202 2.10 -8.25 -3.15
N ARG A 203 3.30 -7.69 -3.29
CA ARG A 203 4.54 -8.44 -3.04
C ARG A 203 4.55 -8.98 -1.60
N PHE A 204 3.98 -8.22 -0.67
CA PHE A 204 3.96 -8.63 0.73
C PHE A 204 2.93 -9.72 1.03
N LEU A 205 1.93 -9.86 0.16
CA LEU A 205 0.93 -10.90 0.35
C LEU A 205 1.66 -12.24 0.17
N ALA A 206 2.61 -12.24 -0.76
CA ALA A 206 3.37 -13.43 -1.07
C ALA A 206 4.64 -13.56 -0.23
N THR A 207 4.49 -13.51 1.09
CA THR A 207 5.63 -13.68 1.97
C THR A 207 5.18 -14.65 3.05
N ARG A 208 6.15 -15.28 3.71
CA ARG A 208 5.84 -16.26 4.74
C ARG A 208 5.02 -15.72 5.92
N GLU A 209 5.40 -14.55 6.43
CA GLU A 209 4.70 -13.98 7.59
C GLU A 209 3.35 -13.33 7.34
N CYS A 210 3.01 -13.06 6.09
CA CYS A 210 1.71 -12.44 5.81
C CYS A 210 0.67 -13.38 6.39
N PRO A 211 -0.13 -12.89 7.36
CA PRO A 211 -1.18 -13.68 8.02
C PRO A 211 -2.44 -13.99 7.23
N ILE A 212 -2.28 -14.59 6.05
CA ILE A 212 -3.43 -14.96 5.23
C ILE A 212 -3.35 -16.43 4.84
N HIS A 213 -4.48 -16.97 4.41
CA HIS A 213 -4.56 -18.37 4.02
C HIS A 213 -3.57 -18.67 2.91
N PRO A 214 -2.91 -19.84 2.98
CA PRO A 214 -1.93 -20.25 1.96
C PRO A 214 -2.46 -20.32 0.52
N ALA A 215 -3.76 -20.54 0.36
CA ALA A 215 -4.36 -20.62 -0.97
C ALA A 215 -4.39 -19.26 -1.65
N VAL A 216 -4.38 -18.19 -0.86
CA VAL A 216 -4.39 -16.84 -1.42
C VAL A 216 -2.97 -16.57 -1.92
N LYS A 217 -1.98 -16.97 -1.14
CA LYS A 217 -0.58 -16.78 -1.51
C LYS A 217 -0.31 -17.60 -2.77
N ALA A 218 -0.96 -18.75 -2.86
CA ALA A 218 -0.81 -19.63 -4.02
C ALA A 218 -1.45 -19.02 -5.28
N ALA A 219 -2.56 -18.32 -5.10
CA ALA A 219 -3.26 -17.69 -6.22
C ALA A 219 -2.45 -16.53 -6.82
N ILE A 220 -1.74 -15.79 -5.96
CA ILE A 220 -0.93 -14.67 -6.44
C ILE A 220 0.20 -15.23 -7.30
N ARG A 221 0.78 -16.34 -6.84
CA ARG A 221 1.87 -16.99 -7.54
C ARG A 221 1.46 -17.55 -8.90
N ALA A 222 0.23 -18.01 -9.01
CA ALA A 222 -0.26 -18.58 -10.26
C ALA A 222 -0.76 -17.53 -11.25
N ALA A 223 -1.15 -16.37 -10.74
CA ALA A 223 -1.69 -15.30 -11.58
C ALA A 223 -0.68 -14.52 -12.42
N ASP A 224 -1.06 -14.23 -13.68
CA ASP A 224 -0.19 -13.44 -14.54
C ASP A 224 -0.61 -11.98 -14.39
N GLU A 225 0.12 -11.08 -15.03
CA GLU A 225 -0.16 -9.65 -14.93
C GLU A 225 -1.51 -9.23 -15.52
N ARG A 226 -2.08 -10.07 -16.37
CA ARG A 226 -3.36 -9.77 -16.99
C ARG A 226 -4.58 -10.17 -16.15
N SER A 227 -4.35 -10.71 -14.95
CA SER A 227 -5.46 -11.18 -14.14
C SER A 227 -5.96 -10.31 -12.98
N THR A 228 -6.29 -9.05 -13.28
CA THR A 228 -6.86 -8.15 -12.30
C THR A 228 -7.97 -7.43 -13.02
N ASP A 229 -8.96 -6.97 -12.27
CA ASP A 229 -10.08 -6.23 -12.85
C ASP A 229 -10.19 -4.86 -12.20
N LEU A 230 -10.73 -3.91 -12.95
CA LEU A 230 -10.94 -2.57 -12.44
C LEU A 230 -12.45 -2.45 -12.23
N ILE A 231 -12.87 -2.61 -11.00
CA ILE A 231 -14.30 -2.55 -10.69
C ILE A 231 -14.73 -1.16 -10.27
N MET A 232 -16.00 -0.86 -10.51
CA MET A 232 -16.60 0.40 -10.14
C MET A 232 -16.07 1.60 -10.93
N ARG A 233 -15.66 1.35 -12.17
CA ARG A 233 -15.17 2.44 -13.01
C ARG A 233 -16.36 3.35 -13.35
N SER A 234 -17.52 2.74 -13.59
CA SER A 234 -18.72 3.51 -13.92
C SER A 234 -19.20 4.36 -12.74
N LEU A 235 -18.66 4.11 -11.56
CA LEU A 235 -19.03 4.86 -10.36
C LEU A 235 -17.93 5.86 -9.98
N ARG A 236 -16.86 5.87 -10.78
CA ARG A 236 -15.72 6.74 -10.52
C ARG A 236 -15.18 6.46 -9.12
N ASN A 237 -15.13 5.18 -8.80
CA ASN A 237 -14.61 4.71 -7.51
C ASN A 237 -13.77 3.48 -7.86
N THR A 238 -13.07 3.57 -8.99
CA THR A 238 -12.24 2.49 -9.50
C THR A 238 -11.35 1.82 -8.46
N ALA A 239 -11.27 0.51 -8.52
CA ALA A 239 -10.43 -0.28 -7.62
C ALA A 239 -9.90 -1.49 -8.39
N ARG A 240 -8.60 -1.74 -8.29
CA ARG A 240 -8.00 -2.88 -8.97
C ARG A 240 -8.03 -4.03 -7.98
N VAL A 241 -8.63 -5.13 -8.39
CA VAL A 241 -8.76 -6.29 -7.53
C VAL A 241 -8.42 -7.56 -8.28
N ALA A 242 -8.18 -8.63 -7.53
CA ALA A 242 -7.86 -9.91 -8.15
C ALA A 242 -9.07 -10.32 -8.98
N ARG A 243 -8.81 -10.80 -10.19
CA ARG A 243 -9.89 -11.25 -11.04
C ARG A 243 -10.47 -12.53 -10.48
N ASN A 244 -11.77 -12.56 -10.31
CA ASN A 244 -12.47 -13.73 -9.80
C ASN A 244 -13.93 -13.63 -10.20
N ALA A 245 -14.71 -14.66 -9.86
CA ALA A 245 -16.11 -14.68 -10.22
C ALA A 245 -16.83 -13.41 -9.79
N ILE A 246 -16.50 -12.93 -8.59
CA ILE A 246 -17.12 -11.73 -8.05
C ILE A 246 -16.84 -10.47 -8.87
N SER A 247 -15.55 -10.19 -9.10
CA SER A 247 -15.19 -9.00 -9.86
C SER A 247 -15.79 -9.05 -11.26
N GLN A 248 -15.81 -10.24 -11.86
CA GLN A 248 -16.38 -10.41 -13.20
C GLN A 248 -17.88 -10.14 -13.17
N GLU A 249 -18.53 -10.48 -12.06
CA GLU A 249 -19.95 -10.27 -11.92
C GLU A 249 -20.26 -8.77 -11.83
N VAL A 250 -19.51 -8.05 -10.99
CA VAL A 250 -19.75 -6.62 -10.85
C VAL A 250 -19.52 -5.91 -12.19
N LEU A 251 -18.57 -6.39 -12.97
CA LEU A 251 -18.30 -5.79 -14.28
C LEU A 251 -19.47 -6.03 -15.21
N ALA A 252 -20.14 -7.16 -15.05
CA ALA A 252 -21.29 -7.50 -15.89
C ALA A 252 -22.46 -6.59 -15.51
N ILE A 253 -22.59 -6.30 -14.22
CA ILE A 253 -23.65 -5.43 -13.74
C ILE A 253 -23.42 -4.00 -14.22
N GLU A 254 -22.18 -3.55 -14.16
CA GLU A 254 -21.84 -2.19 -14.61
C GLU A 254 -22.04 -2.08 -16.10
N ALA A 255 -21.71 -3.16 -16.82
CA ALA A 255 -21.83 -3.18 -18.27
C ALA A 255 -23.28 -3.06 -18.74
N ARG A 256 -24.21 -3.53 -17.91
CA ARG A 256 -25.64 -3.47 -18.24
C ARG A 256 -26.15 -2.04 -18.27
N GLY A 257 -25.57 -1.18 -17.46
CA GLY A 257 -25.99 0.21 -17.42
C GLY A 257 -26.86 0.55 -16.22
N GLY A 258 -26.90 1.82 -15.85
CA GLY A 258 -27.69 2.25 -14.72
C GLY A 258 -27.34 1.46 -13.48
N ALA A 259 -26.06 1.39 -13.15
CA ALA A 259 -25.60 0.65 -11.99
C ALA A 259 -25.26 1.56 -10.81
N GLY A 260 -25.91 1.30 -9.68
CA GLY A 260 -25.66 2.08 -8.48
C GLY A 260 -24.93 1.22 -7.47
N TYR A 261 -24.27 1.85 -6.51
CA TYR A 261 -23.52 1.11 -5.50
C TYR A 261 -24.37 0.04 -4.80
N ALA A 262 -25.62 0.39 -4.50
CA ALA A 262 -26.52 -0.55 -3.84
C ALA A 262 -26.69 -1.84 -4.64
N ASP A 263 -26.49 -1.74 -5.95
CA ASP A 263 -26.64 -2.90 -6.83
C ASP A 263 -25.48 -3.89 -6.67
N ILE A 264 -24.34 -3.40 -6.19
CA ILE A 264 -23.16 -4.24 -6.04
C ILE A 264 -22.65 -4.35 -4.60
N ALA A 265 -23.20 -3.51 -3.72
CA ALA A 265 -22.79 -3.50 -2.32
C ALA A 265 -22.53 -4.90 -1.76
N ALA A 266 -23.54 -5.76 -1.86
CA ALA A 266 -23.43 -7.12 -1.35
C ALA A 266 -22.23 -7.87 -1.92
N LEU A 267 -21.92 -7.61 -3.18
CA LEU A 267 -20.81 -8.28 -3.85
C LEU A 267 -19.44 -7.74 -3.42
N VAL A 268 -19.34 -6.43 -3.22
CA VAL A 268 -18.08 -5.81 -2.82
C VAL A 268 -17.92 -5.73 -1.31
N SER A 269 -18.84 -6.36 -0.59
CA SER A 269 -18.83 -6.37 0.86
C SER A 269 -17.45 -6.64 1.47
N GLY A 270 -17.03 -5.77 2.39
CA GLY A 270 -15.75 -5.95 3.04
C GLY A 270 -15.76 -7.22 3.87
N GLN A 271 -16.90 -7.50 4.49
CA GLN A 271 -17.05 -8.71 5.29
C GLN A 271 -16.80 -9.91 4.41
N ARG A 272 -17.37 -9.90 3.22
CA ARG A 272 -17.21 -11.00 2.28
C ARG A 272 -15.77 -11.07 1.77
N GLY A 273 -15.12 -9.90 1.64
CA GLY A 273 -13.75 -9.86 1.18
C GLY A 273 -12.74 -10.31 2.22
N ARG A 274 -13.04 -10.06 3.49
CA ARG A 274 -12.12 -10.43 4.56
C ARG A 274 -12.00 -11.95 4.68
N GLN A 275 -13.04 -12.68 4.26
CA GLN A 275 -13.02 -14.13 4.35
C GLN A 275 -12.10 -14.79 3.32
N VAL A 276 -11.84 -14.08 2.21
CA VAL A 276 -10.93 -14.62 1.21
C VAL A 276 -9.60 -14.93 1.89
N TYR A 277 -9.12 -13.98 2.69
CA TYR A 277 -7.85 -14.12 3.39
C TYR A 277 -7.85 -15.14 4.53
N GLN A 278 -8.96 -15.25 5.25
CA GLN A 278 -9.04 -16.19 6.36
C GLN A 278 -9.39 -17.61 5.93
N GLN A 279 -10.26 -17.75 4.93
CA GLN A 279 -10.68 -19.07 4.45
C GLN A 279 -9.89 -19.59 3.26
N GLY A 280 -9.38 -18.68 2.44
CA GLY A 280 -8.63 -19.09 1.27
C GLY A 280 -9.53 -19.25 0.05
N ASP A 281 -10.81 -18.91 0.19
CA ASP A 281 -11.74 -19.03 -0.93
C ASP A 281 -11.61 -17.75 -1.76
N THR A 282 -10.73 -17.80 -2.76
CA THR A 282 -10.47 -16.65 -3.62
C THR A 282 -11.67 -16.15 -4.42
N ASP A 283 -12.78 -16.88 -4.38
CA ASP A 283 -13.99 -16.46 -5.09
C ASP A 283 -15.07 -15.96 -4.13
N LEU A 284 -14.84 -16.10 -2.84
CA LEU A 284 -15.82 -15.64 -1.84
C LEU A 284 -16.20 -14.18 -2.02
N GLY A 285 -15.21 -13.35 -2.33
CA GLY A 285 -15.50 -11.93 -2.50
C GLY A 285 -14.39 -11.16 -3.17
N ILE A 286 -14.48 -9.84 -3.07
CA ILE A 286 -13.50 -8.96 -3.68
C ILE A 286 -12.27 -8.81 -2.81
N TRP A 287 -11.10 -9.04 -3.40
CA TRP A 287 -9.86 -8.86 -2.67
C TRP A 287 -8.85 -8.12 -3.56
N SER A 288 -8.05 -7.28 -2.93
CA SER A 288 -7.07 -6.47 -3.64
C SER A 288 -5.81 -7.20 -4.07
N ALA A 289 -5.41 -6.96 -5.32
CA ALA A 289 -4.22 -7.57 -5.88
C ALA A 289 -3.78 -6.69 -7.05
N GLY A 290 -2.48 -6.50 -7.20
CA GLY A 290 -1.97 -5.68 -8.29
C GLY A 290 -1.50 -6.52 -9.47
N MET A 291 -1.33 -5.88 -10.62
CA MET A 291 -0.90 -6.59 -11.81
C MET A 291 0.53 -7.08 -11.65
N VAL A 292 1.25 -6.51 -10.69
CA VAL A 292 2.64 -6.89 -10.44
C VAL A 292 2.71 -8.37 -9.99
N GLN A 293 1.55 -8.96 -9.75
CA GLN A 293 1.50 -10.36 -9.35
C GLN A 293 2.19 -11.23 -10.40
N GLY A 294 2.12 -10.80 -11.66
CA GLY A 294 2.74 -11.56 -12.74
C GLY A 294 4.26 -11.65 -12.63
N LEU A 295 4.86 -10.94 -11.68
CA LEU A 295 6.31 -10.97 -11.51
C LEU A 295 6.67 -11.76 -10.25
N ILE A 296 5.62 -12.19 -9.54
CA ILE A 296 5.78 -12.92 -8.29
C ILE A 296 5.45 -14.40 -8.40
N ASP A 297 6.36 -15.25 -7.93
CA ASP A 297 6.11 -16.68 -7.98
C ASP A 297 6.78 -17.44 -6.83
N ASP A 298 7.25 -16.69 -5.83
CA ASP A 298 7.89 -17.30 -4.67
C ASP A 298 7.22 -16.85 -3.38
N GLU A 299 7.82 -17.22 -2.25
CA GLU A 299 7.25 -16.88 -0.95
C GLU A 299 8.34 -16.84 0.09
N PRO A 300 9.22 -15.83 0.01
CA PRO A 300 10.33 -15.69 0.94
C PRO A 300 9.89 -15.10 2.27
N ALA A 301 10.80 -15.12 3.24
CA ALA A 301 10.56 -14.52 4.54
C ALA A 301 10.80 -13.05 4.24
N CYS A 302 10.08 -12.15 4.91
CA CYS A 302 10.27 -10.73 4.67
C CYS A 302 11.73 -10.28 4.76
N ALA A 303 12.47 -10.84 5.71
CA ALA A 303 13.86 -10.48 5.92
C ALA A 303 14.73 -10.71 4.69
N GLU A 304 14.61 -11.89 4.09
CA GLU A 304 15.40 -12.17 2.90
C GLU A 304 14.88 -11.40 1.68
N LEU A 305 13.57 -11.22 1.61
CA LEU A 305 12.96 -10.47 0.51
C LEU A 305 13.58 -9.08 0.40
N LEU A 306 13.44 -8.29 1.47
CA LEU A 306 14.00 -6.94 1.47
C LEU A 306 15.50 -6.99 1.19
N ARG A 307 16.19 -7.92 1.84
CA ARG A 307 17.62 -8.08 1.65
C ARG A 307 17.93 -8.30 0.16
N ASP A 308 17.26 -9.26 -0.45
CA ASP A 308 17.48 -9.59 -1.85
C ASP A 308 17.14 -8.46 -2.81
N ILE A 309 16.10 -7.69 -2.50
CA ILE A 309 15.71 -6.59 -3.37
C ILE A 309 16.80 -5.52 -3.47
N VAL A 310 17.31 -5.09 -2.32
CA VAL A 310 18.36 -4.07 -2.33
C VAL A 310 19.67 -4.62 -2.87
N GLU A 311 19.90 -5.91 -2.67
CA GLU A 311 21.12 -6.55 -3.15
C GLU A 311 21.02 -6.68 -4.67
N GLN A 312 19.82 -6.97 -5.16
CA GLN A 312 19.59 -7.10 -6.59
C GLN A 312 19.74 -5.70 -7.21
N ALA A 313 19.18 -4.70 -6.55
CA ALA A 313 19.26 -3.33 -7.04
C ALA A 313 20.71 -2.86 -7.11
N ARG A 314 21.48 -3.11 -6.05
CA ARG A 314 22.88 -2.69 -6.02
C ARG A 314 23.63 -3.33 -7.18
N GLN A 315 23.39 -4.61 -7.41
CA GLN A 315 24.06 -5.33 -8.49
C GLN A 315 23.67 -4.80 -9.86
N LEU A 316 22.44 -4.33 -10.01
CA LEU A 316 21.99 -3.80 -11.29
C LEU A 316 22.76 -2.52 -11.60
N VAL A 317 23.05 -1.75 -10.55
CA VAL A 317 23.79 -0.51 -10.72
C VAL A 317 25.26 -0.79 -11.02
N ARG A 318 25.93 -1.50 -10.10
CA ARG A 318 27.35 -1.78 -10.26
C ARG A 318 27.74 -2.81 -11.32
N GLN A 319 26.81 -3.70 -11.68
CA GLN A 319 27.10 -4.71 -12.70
C GLN A 319 26.52 -4.35 -14.07
N ARG A 320 25.19 -4.32 -14.16
CA ARG A 320 24.53 -4.03 -15.41
C ARG A 320 24.70 -2.61 -15.94
N LEU A 321 24.31 -1.61 -15.16
CA LEU A 321 24.41 -0.22 -15.57
C LEU A 321 25.86 0.27 -15.75
N GLU A 322 26.70 0.08 -14.73
CA GLU A 322 28.09 0.49 -14.84
C GLU A 322 28.76 -0.29 -15.96
N GLY A 323 28.30 -1.51 -16.19
CA GLY A 323 28.87 -2.33 -17.24
C GLY A 323 28.65 -1.72 -18.61
N MET A 324 27.46 -1.17 -18.83
CA MET A 324 27.12 -0.55 -20.11
C MET A 324 27.91 0.74 -20.33
N LEU A 325 28.36 1.35 -19.24
CA LEU A 325 29.12 2.60 -19.32
C LEU A 325 30.62 2.34 -19.45
N ALA A 326 31.05 1.14 -19.04
CA ALA A 326 32.45 0.78 -19.11
C ALA A 326 32.88 0.56 -20.57
N1 FMN B . -4.20 1.20 0.46
C2 FMN B . -4.85 2.07 1.32
O2 FMN B . -4.68 3.27 1.29
N3 FMN B . -5.74 1.47 2.24
C4 FMN B . -6.03 0.08 2.39
O4 FMN B . -6.82 -0.28 3.24
C4A FMN B . -5.34 -0.76 1.50
N5 FMN B . -5.44 -2.14 1.45
C5A FMN B . -4.82 -3.07 0.64
C6 FMN B . -5.08 -4.52 0.81
C7 FMN B . -4.37 -5.47 -0.07
C7M FMN B . -4.67 -6.96 0.14
C8 FMN B . -3.42 -4.96 -1.09
C8M FMN B . -2.61 -5.85 -2.08
C9 FMN B . -3.22 -3.52 -1.19
C9A FMN B . -3.91 -2.55 -0.32
N10 FMN B . -3.77 -1.12 -0.32
C10 FMN B . -4.42 -0.17 0.54
C1' FMN B . -2.79 -0.52 -1.35
C2' FMN B . -1.29 -0.63 -0.98
O2' FMN B . -0.99 0.04 0.24
C3' FMN B . -0.40 -0.06 -2.09
O3' FMN B . -0.66 1.31 -2.34
C4' FMN B . -0.52 -0.92 -3.41
O4' FMN B . -0.64 -2.33 -3.09
C5' FMN B . 0.69 -0.82 -4.30
O5' FMN B . 0.52 -1.66 -5.42
P FMN B . 1.19 -3.07 -5.58
O1P FMN B . 2.40 -3.11 -4.72
O2P FMN B . 0.16 -4.02 -5.14
O3P FMN B . 1.40 -3.16 -7.03
C1 NIS C . -8.91 1.99 -0.55
C2 NIS C . -8.04 0.80 -0.92
C4 NIS C . -6.73 1.27 -1.56
N3 NIS C . -8.75 -0.07 -1.87
O6 NIS C . -10.03 -0.50 -1.30
O5 NIS C . -7.95 -1.25 -2.16
#